data_1T2K
#
_entry.id   1T2K
#
_cell.length_a   186.380
_cell.length_b   65.210
_cell.length_c   83.850
_cell.angle_alpha   90.00
_cell.angle_beta   93.44
_cell.angle_gamma   90.00
#
_symmetry.space_group_name_H-M   'C 1 2 1'
#
loop_
_entity.id
_entity.type
_entity.pdbx_description
1 polymer 31-MER
2 polymer 31-MER
3 polymer 'Interferon regulatory factor 3'
4 polymer 'Transcription factor AP-1'
5 polymer 'Cyclic-AMP-dependent transcription factor ATF-2'
6 water water
#
loop_
_entity_poly.entity_id
_entity_poly.type
_entity_poly.pdbx_seq_one_letter_code
_entity_poly.pdbx_strand_id
1 'polydeoxyribonucleotide'
;(DT)(DA)(DA)(DA)(DT)(DG)(DA)(DC)(DA)(DT)(DA)(DG)(DG)(DA)(DA)(DA)(DA)(DC)(DT)(DG)
(DA)(DA)(DA)(DG)(DG)(DG)(DA)(DG)(DA)(DA)(DG)
;
E
2 'polydeoxyribonucleotide'
;(DA)(DC)(DT)(DT)(DC)(DT)(DC)(DC)(DC)(DT)(DT)(DT)(DC)(DA)(DG)(DT)(DT)(DT)(DT)(DC)
(DC)(DT)(DA)(DT)(DG)(DT)(DC)(DA)(DT)(DT)(DT)
;
F
3 'polypeptide(L)'
;MGTPKPRILPWLVSQLDLGQLEGVAWVNKSRTRFRIPWKHGLRQDAQQEDFGIFQAWAEATGAYVPGRDKPDLPTWKRNF
RSALNRKEGLRLAEDRSKDPHDPHKIYEFVNS
;
A,B
4 'polypeptide(L)' MKAERKRMRNRIAASKSRKRKLERIARLEEKVKTLKAQNSELASTANMLREQVAQLKQKVMN C
5 'polypeptide(L)' KRRKFLERNRAAASRSRQKRKVWVQSLEKKAEDLSSLNGQLQSEVTLLRNEVAQLKQLLLA D
#
# COMPACT_ATOMS: atom_id res chain seq x y z
N THR C 3 -2.47 36.65 0.93
CA THR C 3 -2.10 35.40 0.20
C THR C 3 -2.72 34.15 0.85
N PRO C 4 -4.06 33.98 0.73
CA PRO C 4 -4.73 32.81 1.32
C PRO C 4 -4.33 31.59 0.51
N LYS C 5 -4.37 30.41 1.13
CA LYS C 5 -4.01 29.20 0.41
C LYS C 5 -5.13 28.87 -0.57
N PRO C 6 -4.81 28.69 -1.85
CA PRO C 6 -5.78 28.39 -2.90
C PRO C 6 -6.38 27.02 -2.71
N ARG C 7 -7.69 26.90 -2.80
CA ARG C 7 -8.28 25.59 -2.70
C ARG C 7 -8.00 24.97 -4.07
N ILE C 8 -7.71 23.68 -4.09
CA ILE C 8 -7.30 23.02 -5.32
C ILE C 8 -8.27 22.96 -6.51
N LEU C 9 -9.55 22.73 -6.26
CA LEU C 9 -10.51 22.67 -7.36
C LEU C 9 -10.73 24.00 -8.08
N PRO C 10 -10.91 25.09 -7.32
CA PRO C 10 -11.12 26.37 -8.00
C PRO C 10 -9.87 26.75 -8.78
N TRP C 11 -8.73 26.55 -8.16
CA TRP C 11 -7.45 26.88 -8.77
C TRP C 11 -7.26 26.06 -10.02
N LEU C 12 -7.59 24.78 -9.93
CA LEU C 12 -7.40 23.91 -11.06
C LEU C 12 -8.33 24.38 -12.16
N VAL C 13 -9.53 24.80 -11.78
CA VAL C 13 -10.50 25.25 -12.78
C VAL C 13 -10.07 26.51 -13.53
N SER C 14 -9.53 27.49 -12.82
CA SER C 14 -9.10 28.70 -13.50
C SER C 14 -7.96 28.39 -14.47
N GLN C 15 -7.08 27.47 -14.11
CA GLN C 15 -5.97 27.12 -14.98
C GLN C 15 -6.56 26.58 -16.26
N LEU C 16 -7.64 25.85 -16.05
CA LEU C 16 -8.29 25.35 -17.21
C LEU C 16 -8.82 26.56 -18.01
N ASP C 17 -9.74 27.31 -17.47
CA ASP C 17 -10.30 28.36 -18.28
C ASP C 17 -9.27 29.24 -19.00
N LEU C 18 -8.29 29.74 -18.27
CA LEU C 18 -7.26 30.57 -18.91
C LEU C 18 -6.52 29.74 -19.95
N GLY C 19 -6.52 28.43 -19.74
CA GLY C 19 -5.86 27.53 -20.64
C GLY C 19 -4.47 27.94 -21.09
N GLN C 20 -3.61 28.36 -20.17
CA GLN C 20 -2.29 28.74 -20.62
C GLN C 20 -1.32 27.55 -20.65
N LEU C 21 -1.39 26.67 -19.65
CA LEU C 21 -0.49 25.52 -19.61
C LEU C 21 -0.87 24.49 -20.66
N GLU C 22 0.10 24.10 -21.49
CA GLU C 22 -0.15 23.13 -22.54
C GLU C 22 -0.54 21.74 -22.07
N GLY C 23 -1.43 21.10 -22.83
CA GLY C 23 -1.89 19.76 -22.52
C GLY C 23 -2.92 19.73 -21.42
N VAL C 24 -3.13 20.89 -20.80
CA VAL C 24 -4.08 21.02 -19.71
C VAL C 24 -5.30 21.76 -20.22
N ALA C 25 -6.41 21.09 -20.47
CA ALA C 25 -7.54 21.80 -21.04
C ALA C 25 -8.76 20.92 -21.09
N TRP C 26 -9.93 21.55 -21.18
CA TRP C 26 -11.17 20.79 -21.24
C TRP C 26 -11.15 20.01 -22.53
N VAL C 27 -11.79 18.85 -22.54
CA VAL C 27 -11.86 18.02 -23.72
C VAL C 27 -13.33 17.88 -24.08
N ASN C 28 -14.14 18.64 -23.36
CA ASN C 28 -15.58 18.62 -23.51
C ASN C 28 -16.06 20.06 -23.38
N LYS C 29 -16.28 20.72 -24.51
CA LYS C 29 -16.74 22.11 -24.46
C LYS C 29 -18.13 22.20 -23.85
N SER C 30 -18.15 22.22 -22.54
CA SER C 30 -19.31 22.25 -21.68
C SER C 30 -18.71 22.04 -20.32
N ARG C 31 -17.42 22.35 -20.28
CA ARG C 31 -16.59 22.26 -19.11
C ARG C 31 -17.07 21.22 -18.09
N THR C 32 -16.81 19.94 -18.38
CA THR C 32 -17.23 18.88 -17.49
C THR C 32 -16.13 17.79 -17.40
N ARG C 33 -15.30 17.71 -18.44
CA ARG C 33 -14.20 16.75 -18.52
C ARG C 33 -12.94 17.45 -18.97
N PHE C 34 -11.86 17.35 -18.19
CA PHE C 34 -10.60 17.98 -18.57
C PHE C 34 -9.51 16.95 -18.65
N ARG C 35 -8.29 17.36 -19.05
CA ARG C 35 -7.19 16.38 -19.34
C ARG C 35 -5.77 16.82 -18.92
N ILE C 36 -5.09 16.01 -18.15
CA ILE C 36 -3.82 16.40 -17.63
C ILE C 36 -2.62 15.64 -18.15
N PRO C 37 -1.59 16.33 -18.71
CA PRO C 37 -0.40 15.63 -19.22
C PRO C 37 0.09 14.72 -18.09
N TRP C 38 0.44 13.48 -18.39
CA TRP C 38 0.89 12.57 -17.33
C TRP C 38 2.06 11.66 -17.71
N LYS C 39 3.00 12.18 -18.50
CA LYS C 39 4.17 11.41 -18.94
C LYS C 39 4.97 10.88 -17.75
N HIS C 40 5.53 9.68 -17.88
CA HIS C 40 6.31 9.07 -16.80
C HIS C 40 7.63 9.78 -16.53
N GLY C 41 7.87 10.11 -15.27
CA GLY C 41 9.09 10.81 -14.91
C GLY C 41 10.41 10.08 -15.07
N LEU C 42 10.51 9.17 -16.04
CA LEU C 42 11.76 8.46 -16.27
C LEU C 42 12.19 8.61 -17.71
N ARG C 43 11.26 9.02 -18.57
CA ARG C 43 11.63 9.22 -19.95
C ARG C 43 12.63 10.35 -19.92
N GLN C 44 13.81 10.15 -20.52
CA GLN C 44 14.82 11.20 -20.54
C GLN C 44 14.25 12.43 -21.26
N ASP C 45 13.49 12.18 -22.32
CA ASP C 45 12.87 13.26 -23.07
C ASP C 45 11.68 13.72 -22.24
N ALA C 46 11.98 14.42 -21.17
CA ALA C 46 10.90 14.98 -20.37
C ALA C 46 11.27 16.39 -20.05
N GLN C 47 10.36 17.26 -20.38
CA GLN C 47 10.48 18.64 -20.04
C GLN C 47 9.41 18.95 -19.03
N GLN C 48 9.60 20.01 -18.24
CA GLN C 48 8.62 20.39 -17.23
C GLN C 48 7.22 20.45 -17.85
N GLU C 49 7.17 20.74 -19.15
CA GLU C 49 5.89 20.81 -19.87
C GLU C 49 4.97 19.67 -19.41
N ASP C 50 5.59 18.54 -19.07
CA ASP C 50 4.89 17.33 -18.62
C ASP C 50 4.57 17.31 -17.13
N PHE C 51 5.00 18.36 -16.44
CA PHE C 51 4.77 18.48 -15.00
C PHE C 51 4.34 19.91 -14.66
N GLY C 52 3.80 20.63 -15.65
CA GLY C 52 3.45 22.01 -15.40
C GLY C 52 2.40 22.15 -14.33
N ILE C 53 1.35 21.34 -14.37
CA ILE C 53 0.34 21.44 -13.34
C ILE C 53 0.84 20.95 -12.00
N PHE C 54 1.55 19.82 -11.98
CA PHE C 54 2.01 19.27 -10.71
C PHE C 54 2.90 20.30 -10.08
N GLN C 55 3.74 20.91 -10.90
CA GLN C 55 4.64 21.96 -10.43
C GLN C 55 3.94 23.24 -10.03
N ALA C 56 2.99 23.69 -10.85
CA ALA C 56 2.31 24.97 -10.57
C ALA C 56 1.58 24.94 -9.26
N TRP C 57 0.86 23.84 -9.02
CA TRP C 57 0.14 23.70 -7.77
C TRP C 57 1.17 23.68 -6.64
N ALA C 58 2.32 23.07 -6.89
CA ALA C 58 3.30 22.99 -5.83
C ALA C 58 3.79 24.36 -5.49
N GLU C 59 4.12 25.19 -6.50
CA GLU C 59 4.56 26.53 -6.12
C GLU C 59 3.41 27.32 -5.57
N ALA C 60 2.22 27.04 -6.09
CA ALA C 60 1.02 27.73 -5.66
C ALA C 60 0.75 27.55 -4.16
N THR C 61 1.03 26.40 -3.58
CA THR C 61 0.75 26.27 -2.15
C THR C 61 1.97 26.61 -1.33
N GLY C 62 3.08 26.88 -2.01
CA GLY C 62 4.28 27.22 -1.27
C GLY C 62 5.11 26.00 -0.90
N ALA C 63 4.81 24.88 -1.53
CA ALA C 63 5.54 23.66 -1.26
C ALA C 63 6.84 23.75 -2.02
N TYR C 64 6.79 24.36 -3.20
CA TYR C 64 8.00 24.50 -4.01
C TYR C 64 8.33 25.94 -4.32
N VAL C 65 9.29 26.49 -3.58
CA VAL C 65 9.72 27.85 -3.76
C VAL C 65 10.99 27.88 -4.58
N PRO C 66 10.87 28.12 -5.89
CA PRO C 66 12.02 28.17 -6.80
C PRO C 66 13.21 28.85 -6.15
N GLY C 67 14.39 28.29 -6.33
CA GLY C 67 15.55 28.92 -5.72
C GLY C 67 15.91 28.28 -4.41
N ARG C 68 14.95 28.20 -3.49
CA ARG C 68 15.22 27.55 -2.20
C ARG C 68 15.27 26.06 -2.39
N ASP C 69 14.33 25.59 -3.17
CA ASP C 69 14.22 24.17 -3.36
C ASP C 69 14.64 23.66 -4.69
N LYS C 70 14.85 22.39 -4.49
CA LYS C 70 15.32 21.37 -5.35
C LYS C 70 14.16 20.84 -6.15
N PRO C 71 14.12 20.82 -7.52
CA PRO C 71 12.88 20.23 -8.04
C PRO C 71 12.63 18.83 -7.50
N ASP C 72 11.41 18.35 -7.64
CA ASP C 72 11.02 17.04 -7.19
C ASP C 72 9.77 16.72 -7.98
N LEU C 73 9.95 16.25 -9.20
CA LEU C 73 8.83 15.95 -10.04
C LEU C 73 7.94 14.84 -9.49
N PRO C 74 8.54 13.78 -8.94
CA PRO C 74 7.67 12.73 -8.43
C PRO C 74 6.77 13.20 -7.33
N THR C 75 7.30 13.99 -6.41
CA THR C 75 6.48 14.46 -5.31
C THR C 75 5.39 15.43 -5.76
N TRP C 76 5.72 16.30 -6.70
CA TRP C 76 4.75 17.27 -7.15
C TRP C 76 3.60 16.54 -7.73
N LYS C 77 3.92 15.52 -8.51
CA LYS C 77 2.89 14.71 -9.13
C LYS C 77 2.11 13.89 -8.10
N ARG C 78 2.81 13.32 -7.13
CA ARG C 78 2.10 12.52 -6.16
C ARG C 78 1.11 13.33 -5.37
N ASN C 79 1.52 14.50 -4.88
CA ASN C 79 0.59 15.28 -4.11
C ASN C 79 -0.58 15.75 -4.97
N PHE C 80 -0.33 16.11 -6.23
CA PHE C 80 -1.42 16.60 -7.02
C PHE C 80 -2.43 15.52 -7.19
N ARG C 81 -1.96 14.33 -7.49
CA ARG C 81 -2.89 13.23 -7.68
C ARG C 81 -3.64 12.87 -6.42
N SER C 82 -2.93 12.85 -5.30
CA SER C 82 -3.60 12.52 -4.06
C SER C 82 -4.67 13.54 -3.70
N ALA C 83 -4.43 14.82 -3.96
CA ALA C 83 -5.41 15.82 -3.57
C ALA C 83 -6.70 15.62 -4.32
N LEU C 84 -6.58 15.37 -5.61
CA LEU C 84 -7.72 15.18 -6.44
C LEU C 84 -8.41 13.92 -6.05
N ASN C 85 -7.64 12.95 -5.60
CA ASN C 85 -8.25 11.68 -5.30
C ASN C 85 -9.35 11.73 -4.28
N ARG C 86 -9.13 12.44 -3.18
CA ARG C 86 -10.18 12.48 -2.17
C ARG C 86 -10.99 13.74 -2.29
N LYS C 87 -11.40 14.04 -3.53
CA LYS C 87 -12.15 15.25 -3.76
C LYS C 87 -13.61 14.99 -4.08
N GLU C 88 -14.04 13.75 -3.92
CA GLU C 88 -15.45 13.38 -4.15
C GLU C 88 -16.23 14.53 -4.79
N GLY C 89 -16.46 14.41 -6.09
CA GLY C 89 -17.17 15.44 -6.83
C GLY C 89 -16.42 15.53 -8.14
N LEU C 90 -15.34 14.77 -8.20
CA LEU C 90 -14.46 14.68 -9.35
C LEU C 90 -14.00 13.23 -9.39
N ARG C 91 -13.69 12.71 -10.58
CA ARG C 91 -13.27 11.32 -10.71
C ARG C 91 -12.57 11.07 -12.03
N LEU C 92 -11.67 10.08 -12.07
CA LEU C 92 -11.02 9.77 -13.32
C LEU C 92 -12.11 9.31 -14.24
N ALA C 93 -11.80 9.16 -15.51
CA ALA C 93 -12.80 8.71 -16.45
C ALA C 93 -12.04 7.99 -17.52
N GLU C 94 -10.74 8.19 -17.52
CA GLU C 94 -9.86 7.55 -18.49
C GLU C 94 -8.42 7.69 -18.03
N ASP C 95 -7.65 6.61 -18.19
CA ASP C 95 -6.26 6.59 -17.79
C ASP C 95 -5.35 6.25 -18.96
N ARG C 96 -5.16 7.23 -19.83
CA ARG C 96 -4.31 7.07 -20.99
C ARG C 96 -2.84 7.26 -20.54
N SER C 97 -2.59 7.17 -19.26
CA SER C 97 -1.26 7.41 -18.69
C SER C 97 -0.07 6.76 -19.37
N LYS C 98 -0.18 5.49 -19.78
CA LYS C 98 0.94 4.82 -20.43
C LYS C 98 0.90 4.83 -21.95
N ASP C 99 -0.03 5.59 -22.52
CA ASP C 99 -0.21 5.71 -23.99
C ASP C 99 1.04 6.31 -24.69
N PRO C 100 1.63 5.58 -25.61
CA PRO C 100 2.90 6.05 -26.14
C PRO C 100 3.01 7.51 -26.67
N HIS C 101 1.96 8.02 -27.28
CA HIS C 101 2.11 9.31 -27.95
C HIS C 101 1.65 10.63 -27.31
N ASP C 102 1.01 10.60 -26.21
CA ASP C 102 0.55 11.80 -25.57
C ASP C 102 -0.09 11.19 -24.38
N PRO C 103 0.66 10.85 -23.29
CA PRO C 103 0.02 10.22 -22.14
C PRO C 103 -0.80 11.20 -21.41
N HIS C 104 -1.87 10.73 -20.87
CA HIS C 104 -2.59 11.65 -19.99
C HIS C 104 -3.72 10.92 -19.31
N LYS C 105 -4.33 11.60 -18.36
CA LYS C 105 -5.46 11.05 -17.65
C LYS C 105 -6.53 12.10 -17.90
N ILE C 106 -7.78 11.68 -17.91
CA ILE C 106 -8.89 12.59 -18.12
C ILE C 106 -9.82 12.49 -16.93
N TYR C 107 -10.06 13.61 -16.26
CA TYR C 107 -10.96 13.65 -15.10
C TYR C 107 -12.29 14.22 -15.51
N GLU C 108 -13.30 13.96 -14.69
CA GLU C 108 -14.65 14.41 -14.98
C GLU C 108 -15.37 14.81 -13.73
N PHE C 109 -16.21 15.85 -13.83
CA PHE C 109 -17.01 16.32 -12.68
C PHE C 109 -18.36 15.51 -12.57
N VAL C 110 -19.01 15.49 -11.35
CA VAL C 110 -20.28 14.72 -11.02
C VAL C 110 -21.01 15.28 -9.75
N ASN C 111 -22.13 14.70 -9.28
CA ASN C 111 -22.72 15.25 -8.06
C ASN C 111 -24.02 14.53 -7.62
N SER C 112 -23.71 13.57 -6.77
CA SER C 112 -24.51 12.65 -6.10
C SER C 112 -23.67 11.41 -5.89
N PRO D 4 -12.45 15.76 39.63
CA PRO D 4 -11.85 15.07 38.46
C PRO D 4 -11.81 15.92 37.17
N LYS D 5 -11.52 15.27 36.03
CA LYS D 5 -11.41 15.91 34.70
C LYS D 5 -10.06 16.63 34.61
N PRO D 6 -9.00 15.88 34.29
CA PRO D 6 -7.60 16.35 34.15
C PRO D 6 -7.27 17.46 33.16
N ARG D 7 -6.18 18.16 33.46
CA ARG D 7 -5.66 19.23 32.60
C ARG D 7 -4.45 18.55 31.98
N ILE D 8 -4.22 18.79 30.70
CA ILE D 8 -3.16 18.11 29.97
C ILE D 8 -1.68 18.28 30.36
N LEU D 9 -1.24 19.49 30.66
CA LEU D 9 0.18 19.67 31.01
C LEU D 9 0.64 19.03 32.32
N PRO D 10 -0.16 19.14 33.37
CA PRO D 10 0.25 18.53 34.64
C PRO D 10 0.24 17.00 34.53
N TRP D 11 -0.79 16.50 33.88
CA TRP D 11 -0.98 15.06 33.70
C TRP D 11 0.15 14.47 32.88
N LEU D 12 0.53 15.18 31.82
CA LEU D 12 1.60 14.70 30.97
C LEU D 12 2.89 14.68 31.77
N VAL D 13 3.08 15.68 32.63
CA VAL D 13 4.29 15.76 33.43
C VAL D 13 4.41 14.61 34.43
N SER D 14 3.29 14.25 35.07
CA SER D 14 3.33 13.16 36.04
C SER D 14 3.65 11.85 35.36
N GLN D 15 3.14 11.65 34.14
CA GLN D 15 3.39 10.45 33.39
C GLN D 15 4.89 10.39 33.12
N LEU D 16 5.43 11.57 32.99
CA LEU D 16 6.86 11.64 32.76
C LEU D 16 7.63 11.36 34.03
N ASP D 17 7.32 11.99 35.11
CA ASP D 17 8.07 11.66 36.33
C ASP D 17 7.99 10.17 36.68
N LEU D 18 6.78 9.62 36.69
CA LEU D 18 6.58 8.22 37.05
C LEU D 18 7.29 7.34 36.03
N GLY D 19 7.37 7.82 34.79
CA GLY D 19 8.03 7.08 33.73
C GLY D 19 7.54 5.64 33.64
N GLN D 20 6.24 5.46 33.85
CA GLN D 20 5.64 4.14 33.83
C GLN D 20 5.24 3.63 32.44
N LEU D 21 5.67 4.34 31.40
CA LEU D 21 5.35 3.97 30.00
C LEU D 21 6.54 4.11 29.04
N GLU D 22 7.11 3.01 28.60
CA GLU D 22 8.29 2.99 27.74
C GLU D 22 8.37 3.98 26.58
N GLY D 23 9.54 4.60 26.46
CA GLY D 23 9.81 5.55 25.41
C GLY D 23 9.35 6.95 25.78
N VAL D 24 8.53 7.02 26.83
CA VAL D 24 7.97 8.26 27.34
C VAL D 24 8.74 8.76 28.56
N ALA D 25 9.73 9.59 28.35
CA ALA D 25 10.36 10.15 29.55
C ALA D 25 11.10 11.48 29.25
N TRP D 26 11.75 12.01 30.24
CA TRP D 26 12.53 13.20 30.08
C TRP D 26 13.80 12.79 29.37
N VAL D 27 14.45 13.71 28.68
CA VAL D 27 15.67 13.43 27.97
C VAL D 27 16.64 14.50 28.43
N ASN D 28 16.22 15.22 29.46
CA ASN D 28 17.02 16.37 29.92
C ASN D 28 17.04 16.63 31.44
N LYS D 29 18.07 16.25 32.17
CA LYS D 29 18.13 16.46 33.65
C LYS D 29 17.16 17.48 34.25
N SER D 30 17.30 18.73 33.82
CA SER D 30 16.46 19.82 34.29
C SER D 30 15.03 19.69 33.79
N ARG D 31 14.59 18.45 33.59
CA ARG D 31 13.25 18.13 33.12
C ARG D 31 12.66 19.23 32.25
N THR D 32 13.39 19.56 31.19
CA THR D 32 12.98 20.63 30.28
C THR D 32 12.60 20.13 28.88
N ARG D 33 13.07 18.93 28.54
CA ARG D 33 12.80 18.32 27.23
C ARG D 33 12.46 16.85 27.37
N PHE D 34 11.30 16.45 26.86
CA PHE D 34 10.89 15.04 26.93
C PHE D 34 10.59 14.47 25.56
N ARG D 35 10.45 13.15 25.50
CA ARG D 35 10.31 12.47 24.21
C ARG D 35 9.13 11.48 24.15
N ILE D 36 8.49 11.40 22.98
CA ILE D 36 7.31 10.55 22.82
C ILE D 36 7.41 9.61 21.62
N PRO D 37 7.10 8.33 21.83
CA PRO D 37 7.15 7.33 20.75
C PRO D 37 6.14 7.75 19.70
N TRP D 38 6.60 7.90 18.45
CA TRP D 38 5.70 8.35 17.40
C TRP D 38 5.74 7.48 16.13
N LYS D 39 5.67 6.17 16.29
CA LYS D 39 5.69 5.29 15.12
C LYS D 39 4.43 5.45 14.30
N HIS D 40 4.58 5.45 12.97
CA HIS D 40 3.44 5.62 12.08
C HIS D 40 2.53 4.41 12.13
N GLY D 41 1.25 4.67 12.36
CA GLY D 41 0.28 3.60 12.45
C GLY D 41 0.02 2.76 11.22
N LEU D 42 1.00 2.63 10.34
CA LEU D 42 0.80 1.81 9.14
C LEU D 42 1.86 0.72 9.01
N ARG D 43 2.89 0.81 9.83
CA ARG D 43 3.92 -0.23 9.84
C ARG D 43 3.22 -1.41 10.50
N GLN D 44 3.20 -2.57 9.85
CA GLN D 44 2.55 -3.72 10.45
C GLN D 44 3.14 -3.99 11.82
N ASP D 45 4.40 -3.58 12.00
CA ASP D 45 5.07 -3.76 13.28
C ASP D 45 4.67 -2.62 14.21
N ALA D 46 3.38 -2.51 14.45
CA ALA D 46 2.84 -1.47 15.31
C ALA D 46 1.49 -1.97 15.84
N GLN D 47 1.30 -2.03 17.15
CA GLN D 47 0.02 -2.36 17.73
C GLN D 47 0.05 -1.47 19.00
N GLN D 48 -1.03 -1.05 19.57
CA GLN D 48 -1.00 -0.13 20.71
C GLN D 48 0.17 -0.01 21.73
N GLU D 49 1.43 -0.49 21.54
CA GLU D 49 2.47 -0.24 22.61
C GLU D 49 3.22 1.05 22.28
N ASP D 50 3.15 1.38 21.00
CA ASP D 50 3.80 2.56 20.45
C ASP D 50 2.78 3.69 20.42
N PHE D 51 1.61 3.41 20.99
CA PHE D 51 0.48 4.34 21.07
C PHE D 51 -0.05 4.41 22.50
N GLY D 52 0.79 4.12 23.48
CA GLY D 52 0.30 4.12 24.85
C GLY D 52 -0.13 5.42 25.50
N ILE D 53 0.65 6.47 25.33
CA ILE D 53 0.31 7.75 25.95
C ILE D 53 -0.94 8.33 25.32
N PHE D 54 -1.06 8.20 24.00
CA PHE D 54 -2.22 8.72 23.29
C PHE D 54 -3.39 7.94 23.87
N GLN D 55 -3.14 6.67 24.16
CA GLN D 55 -4.15 5.81 24.76
C GLN D 55 -4.45 6.21 26.20
N ALA D 56 -3.41 6.55 26.95
CA ALA D 56 -3.58 6.91 28.36
C ALA D 56 -4.43 8.15 28.51
N TRP D 57 -4.15 9.14 27.67
CA TRP D 57 -4.87 10.40 27.69
C TRP D 57 -6.33 10.18 27.33
N ALA D 58 -6.58 9.23 26.44
CA ALA D 58 -7.94 8.96 26.02
C ALA D 58 -8.77 8.41 27.17
N GLU D 59 -8.19 7.48 27.93
CA GLU D 59 -8.89 6.93 29.08
C GLU D 59 -8.98 7.96 30.19
N ALA D 60 -7.90 8.71 30.36
CA ALA D 60 -7.78 9.71 31.42
C ALA D 60 -8.83 10.80 31.32
N THR D 61 -9.18 11.18 30.10
CA THR D 61 -10.19 12.21 29.93
C THR D 61 -11.54 11.50 29.86
N GLY D 62 -11.49 10.19 30.04
CA GLY D 62 -12.69 9.38 29.98
C GLY D 62 -13.26 9.33 28.57
N ALA D 63 -12.37 9.12 27.59
CA ALA D 63 -12.78 9.06 26.21
C ALA D 63 -12.84 7.60 25.79
N TYR D 64 -11.73 6.91 26.01
CA TYR D 64 -11.66 5.49 25.66
C TYR D 64 -11.95 4.60 26.85
N VAL D 65 -13.23 4.27 27.02
CA VAL D 65 -13.66 3.40 28.10
C VAL D 65 -13.48 1.99 27.53
N PRO D 66 -12.38 1.30 27.90
CA PRO D 66 -12.09 -0.06 27.39
C PRO D 66 -13.33 -0.90 27.05
N GLY D 67 -14.44 -0.60 27.72
CA GLY D 67 -15.67 -1.33 27.46
C GLY D 67 -16.35 -0.88 26.19
N ARG D 68 -16.26 -1.74 25.18
CA ARG D 68 -16.87 -1.51 23.86
C ARG D 68 -16.56 -0.17 23.18
N ASP D 69 -15.62 0.57 23.72
CA ASP D 69 -15.19 1.76 23.07
C ASP D 69 -14.09 1.32 22.12
N LYS D 70 -14.51 0.53 21.11
CA LYS D 70 -13.62 0.00 20.13
C LYS D 70 -12.42 0.91 20.04
N PRO D 71 -11.21 0.40 20.34
CA PRO D 71 -9.99 1.21 20.21
C PRO D 71 -9.97 2.07 18.96
N ASP D 72 -9.24 3.17 19.05
CA ASP D 72 -9.08 4.12 17.93
C ASP D 72 -7.71 4.74 17.94
N LEU D 73 -6.70 3.98 17.62
CA LEU D 73 -5.35 4.50 17.68
C LEU D 73 -5.28 5.89 17.01
N PRO D 74 -5.75 6.00 15.76
CA PRO D 74 -5.61 7.29 15.03
C PRO D 74 -6.07 8.49 15.77
N THR D 75 -7.26 8.32 16.34
CA THR D 75 -7.88 9.42 17.07
C THR D 75 -7.13 9.77 18.35
N TRP D 76 -6.70 8.76 19.09
CA TRP D 76 -6.02 9.05 20.36
C TRP D 76 -4.79 9.85 20.07
N LYS D 77 -4.09 9.47 19.01
CA LYS D 77 -2.88 10.17 18.63
C LYS D 77 -3.19 11.57 18.12
N ARG D 78 -4.23 11.69 17.32
CA ARG D 78 -4.54 13.00 16.78
C ARG D 78 -4.90 13.99 17.87
N ASN D 79 -5.74 13.56 18.80
CA ASN D 79 -6.16 14.46 19.84
C ASN D 79 -5.00 14.83 20.72
N PHE D 80 -4.11 13.89 20.99
CA PHE D 80 -3.01 14.21 21.86
C PHE D 80 -2.14 15.26 21.18
N ARG D 81 -1.84 15.05 19.92
CA ARG D 81 -0.97 15.99 19.22
C ARG D 81 -1.61 17.35 19.16
N SER D 82 -2.90 17.38 18.88
CA SER D 82 -3.58 18.65 18.78
C SER D 82 -3.58 19.41 20.08
N ALA D 83 -3.81 18.72 21.19
CA ALA D 83 -3.88 19.41 22.47
C ALA D 83 -2.57 20.08 22.76
N LEU D 84 -1.48 19.34 22.51
CA LEU D 84 -0.15 19.87 22.75
C LEU D 84 0.20 20.98 21.81
N ASN D 85 -0.33 20.89 20.60
CA ASN D 85 0.01 21.86 19.58
C ASN D 85 -0.34 23.28 19.94
N ARG D 86 -1.51 23.50 20.52
CA ARG D 86 -1.90 24.85 20.88
C ARG D 86 -1.69 25.07 22.35
N LYS D 87 -0.46 24.78 22.78
CA LYS D 87 -0.04 24.88 24.22
C LYS D 87 1.20 25.75 24.36
N GLU D 88 1.14 26.80 23.56
CA GLU D 88 2.15 27.89 23.53
C GLU D 88 3.00 27.93 24.81
N GLY D 89 4.21 27.41 24.75
CA GLY D 89 5.06 27.36 25.92
C GLY D 89 5.73 26.00 25.90
N LEU D 90 5.36 25.25 24.87
CA LEU D 90 5.86 23.90 24.60
C LEU D 90 5.95 23.83 23.09
N ARG D 91 6.96 23.17 22.55
CA ARG D 91 7.11 23.10 21.10
C ARG D 91 7.92 21.90 20.68
N LEU D 92 7.74 21.42 19.45
CA LEU D 92 8.54 20.31 18.99
C LEU D 92 9.95 20.85 18.90
N ALA D 93 10.93 19.96 18.83
CA ALA D 93 12.32 20.38 18.73
C ALA D 93 13.03 19.40 17.82
N GLU D 94 12.33 18.29 17.55
CA GLU D 94 12.85 17.24 16.70
C GLU D 94 11.75 16.28 16.30
N ASP D 95 11.70 15.94 15.02
CA ASP D 95 10.67 15.04 14.53
C ASP D 95 11.28 13.76 13.97
N ARG D 96 11.60 12.85 14.86
CA ARG D 96 12.21 11.61 14.42
C ARG D 96 11.13 10.64 13.95
N SER D 97 9.91 11.13 13.86
CA SER D 97 8.72 10.28 13.56
C SER D 97 8.87 9.14 12.55
N LYS D 98 9.61 9.36 11.46
CA LYS D 98 9.74 8.31 10.45
C LYS D 98 11.00 7.48 10.61
N ASP D 99 11.71 7.59 11.77
CA ASP D 99 13.02 6.89 12.10
C ASP D 99 12.91 5.38 12.18
N PRO D 100 13.56 4.66 11.29
CA PRO D 100 13.31 3.20 11.27
C PRO D 100 13.23 2.49 12.61
N HIS D 101 14.31 2.65 13.37
CA HIS D 101 14.49 1.97 14.63
C HIS D 101 13.92 2.61 15.92
N ASP D 102 13.51 3.91 15.99
CA ASP D 102 12.85 4.49 17.21
C ASP D 102 12.07 5.70 16.78
N PRO D 103 10.86 5.46 16.26
CA PRO D 103 10.05 6.62 15.83
C PRO D 103 9.74 7.58 16.97
N HIS D 104 10.13 8.82 16.94
CA HIS D 104 9.62 9.56 18.06
C HIS D 104 9.75 11.00 17.77
N LYS D 105 9.11 11.80 18.60
CA LYS D 105 9.15 13.25 18.47
C LYS D 105 9.67 13.72 19.82
N ILE D 106 10.44 14.79 19.82
CA ILE D 106 10.97 15.32 21.08
C ILE D 106 10.48 16.75 21.30
N TYR D 107 9.71 16.96 22.37
CA TYR D 107 9.15 18.29 22.72
C TYR D 107 9.91 19.01 23.82
N GLU D 108 10.00 20.30 23.70
CA GLU D 108 10.76 21.06 24.66
C GLU D 108 9.96 22.23 25.20
N PHE D 109 10.19 22.57 26.46
CA PHE D 109 9.49 23.68 27.07
C PHE D 109 10.29 24.95 26.75
N VAL D 110 9.61 26.00 26.29
CA VAL D 110 10.28 27.25 25.95
C VAL D 110 10.65 27.99 27.24
N ASN D 111 11.72 27.51 27.88
CA ASN D 111 12.25 28.03 29.15
C ASN D 111 12.26 29.56 29.22
N MET E 1 22.23 14.77 2.16
CA MET E 1 22.48 14.08 3.45
C MET E 1 21.19 13.43 4.01
N LYS E 2 20.07 13.63 3.30
CA LYS E 2 18.78 13.02 3.70
C LYS E 2 18.22 12.18 2.54
N ALA E 3 18.07 12.81 1.38
CA ALA E 3 17.59 12.16 0.16
C ALA E 3 18.55 11.11 -0.40
N GLU E 4 19.86 11.34 -0.33
CA GLU E 4 20.76 10.35 -0.91
C GLU E 4 20.70 8.97 -0.21
N ARG E 5 20.64 8.97 1.12
CA ARG E 5 20.52 7.74 1.89
C ARG E 5 19.19 7.05 1.69
N LYS E 6 18.17 7.88 1.56
CA LYS E 6 16.80 7.40 1.40
C LYS E 6 16.65 6.57 0.10
N ARG E 7 17.32 6.96 -0.98
CA ARG E 7 17.22 6.21 -2.25
C ARG E 7 17.79 4.83 -2.03
N MET E 8 18.85 4.75 -1.24
CA MET E 8 19.50 3.50 -0.91
C MET E 8 18.51 2.58 -0.21
N ARG E 9 17.71 3.16 0.67
CA ARG E 9 16.78 2.32 1.41
C ARG E 9 15.87 1.75 0.35
N ASN E 10 15.54 2.57 -0.63
CA ASN E 10 14.64 2.12 -1.66
C ASN E 10 15.21 1.02 -2.57
N ARG E 11 16.46 1.16 -2.98
CA ARG E 11 17.03 0.13 -3.85
C ARG E 11 17.22 -1.20 -3.17
N ILE E 12 17.62 -1.16 -1.90
CA ILE E 12 17.84 -2.41 -1.19
C ILE E 12 16.54 -3.15 -1.11
N ALA E 13 15.48 -2.41 -0.83
CA ALA E 13 14.17 -3.00 -0.73
C ALA E 13 13.74 -3.49 -2.08
N ALA E 14 14.08 -2.73 -3.12
CA ALA E 14 13.70 -3.13 -4.44
C ALA E 14 14.42 -4.43 -4.79
N SER E 15 15.70 -4.52 -4.42
CA SER E 15 16.47 -5.72 -4.71
C SER E 15 15.85 -6.90 -3.96
N LYS E 16 15.45 -6.67 -2.71
CA LYS E 16 14.84 -7.73 -1.94
C LYS E 16 13.58 -8.13 -2.64
N SER E 17 12.84 -7.14 -3.14
CA SER E 17 11.60 -7.46 -3.79
C SER E 17 11.74 -8.22 -5.09
N ARG E 18 12.71 -7.85 -5.92
CA ARG E 18 12.90 -8.53 -7.19
C ARG E 18 13.32 -9.98 -6.96
N LYS E 19 14.22 -10.14 -6.00
CA LYS E 19 14.74 -11.46 -5.64
C LYS E 19 13.67 -12.34 -5.03
N ARG E 20 12.86 -11.75 -4.17
CA ARG E 20 11.82 -12.47 -3.48
C ARG E 20 10.79 -12.96 -4.46
N LYS E 21 10.52 -12.12 -5.46
CA LYS E 21 9.53 -12.44 -6.48
C LYS E 21 9.99 -13.67 -7.25
N LEU E 22 11.28 -13.76 -7.51
CA LEU E 22 11.78 -14.91 -8.25
C LEU E 22 11.66 -16.19 -7.45
N GLU E 23 11.96 -16.11 -6.17
CA GLU E 23 11.91 -17.27 -5.30
C GLU E 23 10.51 -17.79 -5.22
N ARG E 24 9.53 -16.90 -5.21
CA ARG E 24 8.14 -17.31 -5.14
C ARG E 24 7.89 -18.14 -6.42
N ILE E 25 8.47 -17.72 -7.54
CA ILE E 25 8.30 -18.49 -8.78
C ILE E 25 8.97 -19.84 -8.71
N ALA E 26 10.15 -19.88 -8.13
CA ALA E 26 10.86 -21.16 -8.04
C ALA E 26 10.05 -22.09 -7.15
N ARG E 27 9.52 -21.55 -6.05
CA ARG E 27 8.73 -22.35 -5.13
C ARG E 27 7.51 -22.79 -5.91
N LEU E 28 7.01 -21.90 -6.75
CA LEU E 28 5.85 -22.20 -7.56
C LEU E 28 6.13 -23.28 -8.62
N GLU E 29 7.31 -23.23 -9.23
CA GLU E 29 7.64 -24.22 -10.25
C GLU E 29 7.79 -25.60 -9.65
N GLU E 30 8.36 -25.65 -8.47
CA GLU E 30 8.53 -26.91 -7.82
C GLU E 30 7.17 -27.51 -7.52
N LYS E 31 6.22 -26.69 -7.11
CA LYS E 31 4.91 -27.23 -6.78
C LYS E 31 4.20 -27.85 -7.97
N VAL E 32 4.25 -27.23 -9.14
CA VAL E 32 3.55 -27.85 -10.27
C VAL E 32 4.19 -29.20 -10.57
N LYS E 33 5.51 -29.26 -10.41
CA LYS E 33 6.20 -30.52 -10.64
C LYS E 33 5.77 -31.57 -9.61
N THR E 34 5.63 -31.18 -8.33
CA THR E 34 5.19 -32.14 -7.31
C THR E 34 3.73 -32.58 -7.51
N LEU E 35 2.87 -31.65 -7.91
CA LEU E 35 1.45 -31.93 -8.13
C LEU E 35 1.15 -32.87 -9.29
N LYS E 36 1.83 -32.70 -10.41
CA LYS E 36 1.56 -33.59 -11.55
C LYS E 36 2.02 -34.99 -11.17
N ALA E 37 3.16 -35.08 -10.51
CA ALA E 37 3.71 -36.37 -10.09
C ALA E 37 2.90 -37.08 -9.03
N GLN E 38 2.43 -36.33 -8.05
CA GLN E 38 1.62 -36.95 -7.02
C GLN E 38 0.29 -37.38 -7.62
N ASN E 39 -0.27 -36.52 -8.47
CA ASN E 39 -1.57 -36.74 -9.08
C ASN E 39 -1.68 -37.96 -9.99
N SER E 40 -0.63 -38.22 -10.77
CA SER E 40 -0.64 -39.36 -11.68
C SER E 40 -0.67 -40.67 -10.87
N GLU E 41 0.06 -40.67 -9.76
CA GLU E 41 0.17 -41.83 -8.89
C GLU E 41 -1.20 -42.19 -8.33
N LEU E 42 -1.94 -41.15 -7.97
CA LEU E 42 -3.30 -41.26 -7.47
C LEU E 42 -4.31 -41.74 -8.52
N ALA E 43 -4.16 -41.31 -9.77
CA ALA E 43 -5.10 -41.74 -10.81
C ALA E 43 -5.01 -43.26 -11.02
N SER E 44 -3.80 -43.80 -10.92
CA SER E 44 -3.54 -45.25 -11.08
C SER E 44 -4.17 -46.05 -9.94
N THR E 45 -4.04 -45.54 -8.71
CA THR E 45 -4.61 -46.15 -7.53
C THR E 45 -6.14 -46.07 -7.64
N ALA E 46 -6.64 -44.97 -8.20
CA ALA E 46 -8.08 -44.82 -8.39
C ALA E 46 -8.53 -45.90 -9.35
N ASN E 47 -7.75 -46.14 -10.39
CA ASN E 47 -8.07 -47.22 -11.32
C ASN E 47 -7.95 -48.62 -10.73
N MET E 48 -6.92 -48.84 -9.90
CA MET E 48 -6.66 -50.15 -9.27
C MET E 48 -7.80 -50.58 -8.34
N LEU E 49 -8.30 -49.63 -7.57
CA LEU E 49 -9.46 -49.86 -6.72
C LEU E 49 -10.72 -50.06 -7.58
N ARG E 50 -10.80 -49.27 -8.66
CA ARG E 50 -11.91 -49.27 -9.62
C ARG E 50 -12.04 -50.59 -10.36
N GLU E 51 -10.90 -51.22 -10.67
CA GLU E 51 -10.84 -52.53 -11.37
C GLU E 51 -11.54 -53.56 -10.49
N GLN E 52 -11.27 -53.47 -9.19
CA GLN E 52 -11.84 -54.34 -8.18
C GLN E 52 -13.35 -54.24 -8.07
N VAL E 53 -13.89 -53.03 -8.24
CA VAL E 53 -15.33 -52.84 -8.12
C VAL E 53 -15.97 -53.71 -9.21
N ALA E 54 -15.40 -53.72 -10.40
CA ALA E 54 -15.93 -54.58 -11.42
C ALA E 54 -15.67 -56.05 -11.00
N GLN E 55 -14.49 -56.31 -10.44
CA GLN E 55 -14.08 -57.66 -10.04
C GLN E 55 -14.85 -58.29 -8.88
N LEU E 56 -15.11 -57.49 -7.84
CA LEU E 56 -15.87 -57.93 -6.69
C LEU E 56 -17.32 -58.20 -7.05
N LYS E 57 -17.87 -57.38 -7.97
CA LYS E 57 -19.26 -57.50 -8.41
C LYS E 57 -19.45 -58.86 -9.09
N GLN E 58 -18.47 -59.30 -9.88
CA GLN E 58 -18.60 -60.64 -10.45
C GLN E 58 -18.49 -61.73 -9.35
N LYS E 59 -17.54 -61.56 -8.41
CA LYS E 59 -17.35 -62.53 -7.31
C LYS E 59 -18.48 -62.59 -6.26
N VAL E 60 -18.96 -61.42 -5.86
CA VAL E 60 -20.08 -61.27 -4.92
C VAL E 60 -21.46 -61.69 -5.45
N MET E 61 -21.71 -61.32 -6.72
CA MET E 61 -22.99 -61.60 -7.40
C MET E 61 -23.28 -63.09 -7.50
N ASN E 62 -22.20 -63.87 -7.55
CA ASN E 62 -22.29 -65.33 -7.63
C ASN E 62 -22.61 -65.93 -6.25
N LYS F 1 19.10 9.63 -34.04
CA LYS F 1 18.28 8.39 -33.93
C LYS F 1 18.29 7.85 -32.50
N ARG F 2 18.70 8.68 -31.54
CA ARG F 2 18.70 8.25 -30.15
C ARG F 2 17.30 8.04 -29.57
N ARG F 3 16.38 8.94 -29.89
CA ARG F 3 15.04 8.86 -29.33
C ARG F 3 14.24 7.65 -29.77
N LYS F 4 14.31 7.29 -31.05
CA LYS F 4 13.58 6.12 -31.52
C LYS F 4 14.13 4.84 -30.94
N PHE F 5 15.45 4.76 -30.77
CA PHE F 5 15.99 3.53 -30.20
C PHE F 5 15.44 3.35 -28.79
N LEU F 6 15.36 4.44 -28.02
CA LEU F 6 14.81 4.34 -26.67
C LEU F 6 13.33 4.02 -26.66
N GLU F 7 12.59 4.66 -27.56
CA GLU F 7 11.17 4.43 -27.64
C GLU F 7 10.91 2.99 -28.02
N ARG F 8 11.73 2.47 -28.91
CA ARG F 8 11.59 1.08 -29.31
C ARG F 8 11.92 0.06 -28.20
N ASN F 9 12.98 0.31 -27.45
CA ASN F 9 13.41 -0.63 -26.44
C ASN F 9 12.33 -0.75 -25.38
N ARG F 10 11.79 0.42 -25.06
CA ARG F 10 10.78 0.52 -24.03
C ARG F 10 9.51 -0.19 -24.42
N ALA F 11 9.09 -0.06 -25.68
CA ALA F 11 7.86 -0.72 -26.10
C ALA F 11 8.08 -2.21 -25.98
N ALA F 12 9.31 -2.61 -26.31
CA ALA F 12 9.71 -4.01 -26.27
C ALA F 12 9.75 -4.55 -24.86
N ALA F 13 10.25 -3.75 -23.92
CA ALA F 13 10.32 -4.22 -22.57
C ALA F 13 8.88 -4.45 -22.18
N SER F 14 7.98 -3.57 -22.60
CA SER F 14 6.58 -3.77 -22.27
C SER F 14 6.03 -5.01 -22.96
N ARG F 15 6.44 -5.20 -24.21
CA ARG F 15 5.96 -6.36 -24.95
C ARG F 15 6.49 -7.58 -24.21
N SER F 16 7.74 -7.52 -23.74
CA SER F 16 8.29 -8.65 -23.00
C SER F 16 7.66 -8.91 -21.63
N ARG F 17 7.41 -7.84 -20.89
CA ARG F 17 6.86 -7.99 -19.56
C ARG F 17 5.46 -8.56 -19.64
N GLN F 18 4.68 -8.12 -20.62
CA GLN F 18 3.33 -8.63 -20.70
C GLN F 18 3.43 -10.10 -20.94
N LYS F 19 4.39 -10.54 -21.75
CA LYS F 19 4.54 -11.96 -22.02
C LYS F 19 4.96 -12.72 -20.77
N ARG F 20 5.87 -12.17 -19.98
CA ARG F 20 6.30 -12.89 -18.80
C ARG F 20 5.16 -13.06 -17.82
N LYS F 21 4.31 -12.04 -17.73
CA LYS F 21 3.18 -12.08 -16.81
C LYS F 21 2.16 -13.11 -17.22
N VAL F 22 1.87 -13.22 -18.51
CA VAL F 22 0.85 -14.18 -18.89
C VAL F 22 1.34 -15.58 -18.55
N TRP F 23 2.63 -15.84 -18.75
CA TRP F 23 3.14 -17.17 -18.42
C TRP F 23 3.01 -17.42 -16.94
N VAL F 24 3.28 -16.41 -16.12
CA VAL F 24 3.17 -16.63 -14.69
C VAL F 24 1.71 -16.90 -14.31
N GLN F 25 0.79 -16.16 -14.91
CA GLN F 25 -0.64 -16.37 -14.63
C GLN F 25 -1.03 -17.75 -15.16
N SER F 26 -0.46 -18.11 -16.30
CA SER F 26 -0.74 -19.40 -16.91
C SER F 26 -0.19 -20.49 -16.00
N LEU F 27 0.97 -20.24 -15.39
CA LEU F 27 1.50 -21.23 -14.50
C LEU F 27 0.64 -21.42 -13.25
N GLU F 28 0.16 -20.32 -12.68
CA GLU F 28 -0.64 -20.40 -11.46
C GLU F 28 -1.98 -21.08 -11.69
N LYS F 29 -2.62 -20.79 -12.81
CA LYS F 29 -3.92 -21.40 -13.09
C LYS F 29 -3.68 -22.89 -13.21
N LYS F 30 -2.57 -23.27 -13.82
CA LYS F 30 -2.27 -24.68 -13.95
C LYS F 30 -2.11 -25.22 -12.53
N ALA F 31 -1.47 -24.41 -11.69
CA ALA F 31 -1.22 -24.82 -10.31
C ALA F 31 -2.50 -25.01 -9.50
N GLU F 32 -3.50 -24.16 -9.72
CA GLU F 32 -4.75 -24.29 -8.95
C GLU F 32 -5.47 -25.57 -9.34
N ASP F 33 -5.46 -25.84 -10.64
CA ASP F 33 -6.14 -27.00 -11.15
C ASP F 33 -5.55 -28.33 -10.78
N LEU F 34 -4.23 -28.42 -10.73
CA LEU F 34 -3.64 -29.68 -10.31
C LEU F 34 -3.94 -29.97 -8.84
N SER F 35 -3.89 -28.94 -8.00
CA SER F 35 -4.21 -29.10 -6.58
C SER F 35 -5.69 -29.44 -6.48
N SER F 36 -6.50 -28.79 -7.32
CA SER F 36 -7.91 -29.09 -7.34
C SER F 36 -8.14 -30.51 -7.88
N LEU F 37 -7.42 -30.91 -8.92
CA LEU F 37 -7.53 -32.26 -9.48
C LEU F 37 -6.99 -33.27 -8.47
N ASN F 38 -5.92 -32.86 -7.79
CA ASN F 38 -5.25 -33.69 -6.80
C ASN F 38 -6.29 -33.92 -5.71
N GLY F 39 -7.08 -32.91 -5.45
CA GLY F 39 -8.09 -33.07 -4.44
C GLY F 39 -9.16 -34.11 -4.73
N GLN F 40 -9.64 -34.21 -5.96
CA GLN F 40 -10.69 -35.17 -6.26
C GLN F 40 -10.22 -36.59 -6.04
N LEU F 41 -8.98 -36.86 -6.46
CA LEU F 41 -8.44 -38.18 -6.34
C LEU F 41 -8.24 -38.64 -4.91
N GLN F 42 -7.84 -37.75 -4.01
CA GLN F 42 -7.68 -38.21 -2.66
C GLN F 42 -9.03 -38.66 -2.11
N SER F 43 -10.09 -37.89 -2.39
CA SER F 43 -11.43 -38.24 -1.96
C SER F 43 -12.03 -39.47 -2.65
N GLU F 44 -11.84 -39.56 -3.96
CA GLU F 44 -12.38 -40.67 -4.77
C GLU F 44 -11.77 -41.97 -4.33
N VAL F 45 -10.49 -41.91 -3.98
CA VAL F 45 -9.79 -43.07 -3.49
C VAL F 45 -10.46 -43.47 -2.17
N THR F 46 -10.82 -42.46 -1.37
CA THR F 46 -11.46 -42.72 -0.10
C THR F 46 -12.86 -43.33 -0.29
N LEU F 47 -13.64 -42.84 -1.24
CA LEU F 47 -14.98 -43.40 -1.44
C LEU F 47 -14.84 -44.82 -1.95
N LEU F 48 -13.87 -45.01 -2.85
CA LEU F 48 -13.58 -46.34 -3.37
C LEU F 48 -13.00 -47.28 -2.34
N ARG F 49 -12.09 -46.78 -1.50
CA ARG F 49 -11.50 -47.67 -0.52
C ARG F 49 -12.58 -48.17 0.45
N ASN F 50 -13.49 -47.29 0.87
CA ASN F 50 -14.63 -47.72 1.68
C ASN F 50 -15.58 -48.57 0.86
N GLU F 51 -15.74 -48.23 -0.43
CA GLU F 51 -16.63 -48.99 -1.31
C GLU F 51 -16.11 -50.41 -1.47
N VAL F 52 -14.80 -50.60 -1.63
CA VAL F 52 -14.27 -51.95 -1.70
C VAL F 52 -14.37 -52.72 -0.38
N ALA F 53 -14.06 -52.08 0.75
CA ALA F 53 -14.17 -52.77 2.03
C ALA F 53 -15.63 -53.10 2.43
N GLN F 54 -16.55 -52.15 2.22
CA GLN F 54 -17.99 -52.36 2.52
C GLN F 54 -18.61 -53.37 1.57
N LEU F 55 -18.27 -53.28 0.28
CA LEU F 55 -18.78 -54.27 -0.63
C LEU F 55 -18.12 -55.64 -0.36
N LYS F 56 -16.85 -55.67 -0.05
CA LYS F 56 -16.14 -56.93 0.16
C LYS F 56 -16.34 -57.62 1.51
N GLN F 57 -16.28 -56.86 2.62
CA GLN F 57 -16.46 -57.54 3.88
C GLN F 57 -17.85 -58.04 4.19
N LEU F 58 -18.86 -57.19 3.97
CA LEU F 58 -20.25 -57.61 4.19
C LEU F 58 -20.92 -58.59 3.23
N LEU F 59 -20.71 -58.37 1.92
CA LEU F 59 -21.35 -59.16 0.87
C LEU F 59 -20.78 -60.51 0.49
N LEU F 60 -19.46 -60.72 0.56
CA LEU F 60 -18.84 -62.01 0.25
C LEU F 60 -18.36 -62.72 1.53
N ALA F 61 -17.17 -62.33 2.00
CA ALA F 61 -16.57 -62.90 3.20
C ALA F 61 -17.45 -62.71 4.44
#